data_1GVU
#
_entry.id   1GVU
#
_cell.length_a   42.477
_cell.length_b   75.779
_cell.length_c   42.987
_cell.angle_alpha   90.00
_cell.angle_beta   95.43
_cell.angle_gamma   90.00
#
_symmetry.space_group_name_H-M   'P 1 21 1'
#
loop_
_entity.id
_entity.type
_entity.pdbx_description
1 polymer ENDOTHIAPEPSIN
2 polymer 'INHIBITOR, H189'
3 non-polymer 'SULFATE ION'
4 water water
#
loop_
_entity_poly.entity_id
_entity_poly.type
_entity_poly.pdbx_seq_one_letter_code
_entity_poly.pdbx_strand_id
1 'polypeptide(L)'
;STGSATTTPIDSLDDAYITPVQIGTPAQTLNLDFDTGSSDLWVFSSETTASEV(SUI)QTIYTPSKSTTAKLLSGATWSI
SYGDGSSSSGDVYTDTVSVGGLTVTGQAVESAKKVSSSFTEDSTIDGLLGLAFSTLNTVSPTQQKTFFDNAKASLDSPVF
TADLGYHAPGTYNFGFIDTTAYTGSITYTAVSTKQGFWEWTSTGYAVGSGTFKSTSIDGIADTGTTLLYLPATVVSAYWA
QVSGAKSSSSVGGYVFPCSATLPSFTFGVGSARIVIPGDYIDFGPISTGSSSCFGGIQSSAGIGINIFGDVALKAAFVVF
NGATTPTLGFASK
;
A
2 'polypeptide(L)' PHPFH(STA)VIHK I
#
loop_
_chem_comp.id
_chem_comp.type
_chem_comp.name
_chem_comp.formula
SO4 non-polymer 'SULFATE ION' 'O4 S -2'
STA peptide-like STATINE 'C8 H17 N O3'
#
# COMPACT_ATOMS: atom_id res chain seq x y z
N SER A 1 -14.44 19.04 -0.49
CA SER A 1 -13.35 18.92 -1.49
C SER A 1 -13.10 17.46 -1.86
N THR A 2 -12.35 17.29 -2.96
CA THR A 2 -11.90 15.98 -3.41
C THR A 2 -10.45 16.11 -3.94
N GLY A 3 -9.81 14.96 -4.13
CA GLY A 3 -8.56 14.91 -4.90
C GLY A 3 -8.57 13.64 -5.77
N SER A 4 -7.76 13.69 -6.89
CA SER A 4 -7.63 12.50 -7.77
C SER A 4 -6.21 12.54 -8.36
N ALA A 5 -5.44 11.48 -8.09
CA ALA A 5 -4.03 11.46 -8.53
C ALA A 5 -3.75 10.12 -9.24
N THR A 6 -2.87 10.18 -10.26
CA THR A 6 -2.46 8.98 -10.96
C THR A 6 -1.34 8.30 -10.23
N THR A 7 -1.46 6.98 -10.09
CA THR A 7 -0.46 6.18 -9.44
C THR A 7 0.11 5.24 -10.47
N THR A 8 1.46 5.14 -10.53
CA THR A 8 2.14 4.43 -11.60
C THR A 8 3.08 3.39 -11.01
N PRO A 9 3.13 2.17 -11.62
CA PRO A 9 4.10 1.21 -11.14
C PRO A 9 5.55 1.76 -11.30
N ILE A 10 6.38 1.48 -10.31
CA ILE A 10 7.80 1.98 -10.38
C ILE A 10 8.68 1.22 -11.37
N ASP A 11 8.23 0.01 -11.76
CA ASP A 11 9.04 -0.87 -12.61
C ASP A 11 8.09 -1.84 -13.37
N SER A 12 8.70 -2.70 -14.20
CA SER A 12 7.96 -3.66 -15.03
C SER A 12 7.25 -4.77 -14.23
N LEU A 13 7.49 -4.91 -12.95
CA LEU A 13 6.93 -5.99 -12.13
C LEU A 13 5.79 -5.51 -11.22
N ASP A 14 5.40 -4.25 -11.24
CA ASP A 14 4.43 -3.71 -10.26
C ASP A 14 4.92 -3.90 -8.82
N ASP A 15 6.25 -3.66 -8.57
CA ASP A 15 6.73 -3.85 -7.18
C ASP A 15 6.08 -2.88 -6.19
N ALA A 16 5.84 -1.66 -6.65
CA ALA A 16 5.25 -0.63 -5.81
C ALA A 16 4.70 0.40 -6.80
N TYR A 17 3.97 1.36 -6.22
CA TYR A 17 3.31 2.37 -7.03
C TYR A 17 3.72 3.71 -6.41
N ILE A 18 3.98 4.69 -7.28
CA ILE A 18 4.33 6.06 -6.84
C ILE A 18 3.20 6.99 -7.31
N THR A 19 3.01 8.00 -6.46
CA THR A 19 1.97 9.00 -6.69
C THR A 19 2.63 10.36 -6.43
N PRO A 20 2.47 11.35 -7.28
CA PRO A 20 3.07 12.68 -6.97
C PRO A 20 2.37 13.34 -5.79
N VAL A 21 3.23 14.07 -4.99
CA VAL A 21 2.77 14.80 -3.81
C VAL A 21 3.49 16.19 -3.86
N GLN A 22 2.75 17.24 -3.68
CA GLN A 22 3.34 18.61 -3.63
C GLN A 22 3.47 19.04 -2.15
N ILE A 23 4.74 19.44 -1.80
CA ILE A 23 5.04 19.85 -0.40
C ILE A 23 5.64 21.25 -0.39
N GLY A 24 5.08 22.11 0.48
CA GLY A 24 5.77 23.41 0.70
C GLY A 24 5.24 24.49 -0.26
N THR A 25 5.85 25.67 -0.04
CA THR A 25 5.58 26.87 -0.83
C THR A 25 6.90 27.56 -1.26
N PRO A 26 7.24 27.67 -2.57
CA PRO A 26 6.54 27.05 -3.71
C PRO A 26 6.54 25.52 -3.62
N ALA A 27 5.62 24.85 -4.32
CA ALA A 27 5.49 23.40 -4.22
C ALA A 27 6.81 22.72 -4.70
N GLN A 28 7.19 21.75 -3.91
CA GLN A 28 8.27 20.83 -4.29
C GLN A 28 7.58 19.49 -4.57
N THR A 29 7.69 18.96 -5.82
CA THR A 29 6.99 17.72 -6.18
C THR A 29 7.93 16.54 -5.94
N LEU A 30 7.43 15.62 -5.09
CA LEU A 30 8.11 14.40 -4.80
C LEU A 30 7.17 13.21 -5.17
N ASN A 31 7.74 12.10 -5.58
CA ASN A 31 6.93 10.89 -5.87
C ASN A 31 6.96 9.99 -4.63
N LEU A 32 5.79 9.82 -3.96
CA LEU A 32 5.71 9.06 -2.69
C LEU A 32 4.94 7.74 -2.90
N ASP A 33 5.31 6.77 -2.05
CA ASP A 33 4.58 5.48 -1.99
C ASP A 33 3.43 5.56 -1.00
N PHE A 34 2.16 5.57 -1.52
CA PHE A 34 0.98 5.61 -0.66
C PHE A 34 0.73 4.27 0.00
N ASP A 35 0.74 4.26 1.35
CA ASP A 35 0.86 3.03 2.12
C ASP A 35 -0.27 2.89 3.16
N THR A 36 -1.34 2.08 2.86
CA THR A 36 -2.45 1.86 3.82
C THR A 36 -2.05 0.98 5.01
N GLY A 37 -0.77 0.51 5.00
CA GLY A 37 -0.19 -0.23 6.12
C GLY A 37 0.76 0.61 7.03
N SER A 38 0.78 1.92 6.97
CA SER A 38 1.55 2.73 7.97
C SER A 38 0.92 4.10 8.03
N SER A 39 1.45 4.98 8.94
CA SER A 39 0.74 6.19 9.31
C SER A 39 1.69 7.40 9.42
N ASP A 40 2.85 7.36 8.73
CA ASP A 40 3.82 8.49 8.70
C ASP A 40 4.00 8.97 7.25
N LEU A 41 4.02 10.32 7.10
CA LEU A 41 4.38 10.97 5.82
C LEU A 41 5.86 11.44 6.07
N TRP A 42 6.81 10.74 5.42
CA TRP A 42 8.23 11.11 5.56
C TRP A 42 8.88 11.24 4.17
N VAL A 43 9.93 12.11 4.08
CA VAL A 43 10.59 12.43 2.80
C VAL A 43 12.11 12.51 2.92
N PHE A 44 12.80 12.14 1.77
CA PHE A 44 14.21 12.55 1.54
C PHE A 44 14.30 14.08 1.62
N SER A 45 15.40 14.64 2.21
CA SER A 45 15.46 16.08 2.48
C SER A 45 16.88 16.64 2.33
N SER A 46 16.98 17.95 2.40
CA SER A 46 18.31 18.63 2.52
C SER A 46 19.02 18.27 3.85
N GLU A 47 18.32 17.70 4.81
CA GLU A 47 18.90 17.26 6.08
C GLU A 47 19.50 15.86 5.92
N THR A 48 19.09 15.10 4.89
CA THR A 48 19.49 13.70 4.83
C THR A 48 20.99 13.63 4.57
N THR A 49 21.69 12.77 5.31
CA THR A 49 23.12 12.54 5.12
C THR A 49 23.44 12.38 3.62
N ALA A 50 24.42 13.18 3.11
CA ALA A 50 24.59 13.28 1.64
C ALA A 50 24.94 11.96 0.96
N SER A 51 25.77 11.15 1.63
CA SER A 51 26.11 9.85 1.07
C SER A 51 24.88 8.87 0.96
N GLU A 52 23.77 9.16 1.66
CA GLU A 52 22.54 8.30 1.66
C GLU A 52 21.49 8.80 0.64
N VAL A 53 21.80 9.88 -0.02
CA VAL A 53 20.95 10.37 -1.10
C VAL A 53 21.56 9.98 -2.45
N SUI A 54 20.73 9.28 -3.28
CA SUI A 54 21.12 8.99 -4.65
CB SUI A 54 20.57 7.66 -5.17
CG SUI A 54 19.58 8.00 -6.27
OD SUI A 54 18.86 7.26 -6.89
C1 SUI A 54 20.53 10.01 -5.63
O1 SUI A 54 20.73 11.19 -5.62
N2 SUI A 54 19.67 9.33 -6.48
C2A SUI A 54 18.94 9.99 -7.55
C SUI A 54 17.57 10.53 -7.15
O SUI A 54 16.87 11.01 -8.05
N GLN A 55 17.19 10.48 -5.85
CA GLN A 55 15.88 10.94 -5.40
C GLN A 55 15.82 12.46 -5.48
N THR A 56 14.56 12.92 -5.58
CA THR A 56 14.26 14.30 -5.38
C THR A 56 14.05 14.60 -3.88
N ILE A 57 14.67 15.69 -3.38
CA ILE A 57 14.66 16.02 -1.94
C ILE A 57 13.77 17.22 -1.63
N TYR A 58 13.16 17.21 -0.42
CA TYR A 58 12.47 18.35 0.19
C TYR A 58 13.50 19.24 0.94
N THR A 59 13.49 20.54 0.68
CA THR A 59 14.39 21.50 1.38
C THR A 59 13.49 22.41 2.24
N PRO A 60 13.30 22.21 3.55
CA PRO A 60 12.37 23.03 4.35
C PRO A 60 12.77 24.52 4.32
N SER A 61 14.07 24.87 4.25
CA SER A 61 14.53 26.26 4.27
C SER A 61 14.21 26.97 2.96
N LYS A 62 13.73 26.24 1.91
CA LYS A 62 13.24 26.89 0.70
C LYS A 62 11.72 26.99 0.69
N SER A 63 11.01 26.54 1.76
CA SER A 63 9.54 26.60 1.83
C SER A 63 9.14 27.66 2.87
N THR A 64 8.40 28.64 2.36
CA THR A 64 8.00 29.74 3.28
C THR A 64 6.97 29.31 4.33
N THR A 65 6.25 28.19 4.12
CA THR A 65 5.19 27.66 5.03
C THR A 65 5.71 26.61 6.02
N ALA A 66 6.98 26.22 5.88
CA ALA A 66 7.50 25.19 6.79
C ALA A 66 7.68 25.76 8.21
N LYS A 67 7.28 24.99 9.22
CA LYS A 67 7.46 25.34 10.65
C LYS A 67 8.12 24.15 11.31
N LEU A 68 9.21 24.37 12.07
CA LEU A 68 9.79 23.29 12.89
C LEU A 68 8.80 22.95 14.01
N LEU A 69 8.50 21.67 14.23
CA LEU A 69 7.68 21.22 15.39
C LEU A 69 8.68 20.99 16.52
N SER A 70 8.84 21.98 17.43
CA SER A 70 9.94 21.98 18.40
C SER A 70 9.88 20.77 19.31
N GLY A 71 11.04 20.15 19.44
CA GLY A 71 11.11 19.00 20.34
C GLY A 71 10.63 17.69 19.77
N ALA A 72 10.09 17.66 18.54
CA ALA A 72 9.50 16.43 18.00
C ALA A 72 10.49 15.64 17.15
N THR A 73 10.53 14.33 17.34
CA THR A 73 11.33 13.43 16.56
C THR A 73 10.52 12.23 16.13
N TRP A 74 11.06 11.47 15.17
CA TRP A 74 10.35 10.26 14.67
C TRP A 74 11.41 9.21 14.30
N SER A 75 10.92 7.98 14.35
CA SER A 75 11.75 6.82 14.03
C SER A 75 10.80 5.66 13.65
N ILE A 76 11.02 5.08 12.47
CA ILE A 76 10.05 4.07 11.97
C ILE A 76 10.83 2.91 11.34
N SER A 77 10.21 1.72 11.46
CA SER A 77 10.73 0.57 10.74
C SER A 77 9.54 -0.24 10.15
N TYR A 78 9.87 -0.97 9.03
CA TYR A 78 8.84 -1.65 8.22
C TYR A 78 9.11 -3.13 8.10
N GLY A 79 8.03 -3.89 7.68
CA GLY A 79 8.15 -5.35 7.65
C GLY A 79 9.24 -5.86 6.72
N ASP A 80 9.67 -5.14 5.68
CA ASP A 80 10.73 -5.54 4.75
C ASP A 80 12.14 -5.17 5.25
N GLY A 81 12.24 -4.65 6.50
CA GLY A 81 13.54 -4.35 7.10
C GLY A 81 14.06 -2.92 6.91
N SER A 82 13.31 -2.14 6.15
CA SER A 82 13.75 -0.75 5.90
C SER A 82 13.38 0.16 7.11
N SER A 83 14.02 1.37 7.15
CA SER A 83 13.83 2.29 8.27
C SER A 83 14.31 3.70 7.90
N SER A 84 13.91 4.66 8.76
CA SER A 84 14.33 6.05 8.60
C SER A 84 14.02 6.78 9.91
N SER A 85 14.58 8.01 10.06
CA SER A 85 14.29 8.82 11.27
C SER A 85 14.68 10.24 10.99
N GLY A 86 14.20 11.16 11.88
CA GLY A 86 14.58 12.56 11.73
C GLY A 86 13.77 13.46 12.62
N ASP A 87 13.55 14.70 12.12
CA ASP A 87 12.82 15.72 12.86
C ASP A 87 11.56 16.05 12.05
N VAL A 88 10.80 17.03 12.54
CA VAL A 88 9.42 17.17 12.04
C VAL A 88 9.19 18.63 11.76
N TYR A 89 8.63 18.89 10.56
CA TYR A 89 8.07 20.15 10.17
C TYR A 89 6.55 19.97 10.02
N THR A 90 5.83 21.04 10.17
CA THR A 90 4.47 21.09 9.60
C THR A 90 4.58 21.95 8.34
N ASP A 91 3.79 21.58 7.32
CA ASP A 91 3.81 22.32 6.04
C ASP A 91 2.52 21.99 5.28
N THR A 92 2.34 22.73 4.19
CA THR A 92 1.24 22.50 3.27
C THR A 92 1.52 21.33 2.32
N VAL A 93 0.54 20.38 2.26
CA VAL A 93 0.71 19.18 1.43
C VAL A 93 -0.55 19.01 0.55
N SER A 94 -0.30 18.80 -0.80
CA SER A 94 -1.41 18.57 -1.71
C SER A 94 -1.23 17.25 -2.49
N VAL A 95 -2.40 16.53 -2.63
CA VAL A 95 -2.46 15.29 -3.41
C VAL A 95 -3.59 15.37 -4.41
N GLY A 96 -3.23 15.35 -5.73
CA GLY A 96 -4.29 15.29 -6.76
C GLY A 96 -5.24 16.45 -6.69
N GLY A 97 -4.73 17.62 -6.23
CA GLY A 97 -5.57 18.81 -6.11
C GLY A 97 -6.21 19.02 -4.74
N LEU A 98 -6.13 18.06 -3.80
CA LEU A 98 -6.67 18.20 -2.43
C LEU A 98 -5.54 18.75 -1.52
N THR A 99 -5.74 19.90 -0.87
CA THR A 99 -4.70 20.56 -0.05
C THR A 99 -5.03 20.47 1.44
N VAL A 100 -4.07 20.06 2.25
CA VAL A 100 -4.10 20.07 3.72
C VAL A 100 -3.03 21.02 4.25
N THR A 101 -3.38 21.89 5.20
CA THR A 101 -2.42 22.74 5.87
C THR A 101 -2.05 22.16 7.25
N GLY A 102 -0.80 22.44 7.67
CA GLY A 102 -0.42 21.98 9.00
C GLY A 102 -0.16 20.47 9.04
N GLN A 103 0.11 19.85 7.87
CA GLN A 103 0.40 18.42 7.84
C GLN A 103 1.80 18.23 8.40
N ALA A 104 1.95 17.21 9.30
CA ALA A 104 3.29 16.85 9.70
C ALA A 104 4.03 16.18 8.51
N VAL A 105 5.20 16.75 8.19
CA VAL A 105 6.13 16.29 7.15
C VAL A 105 7.40 15.89 7.91
N GLU A 106 7.64 14.59 7.95
CA GLU A 106 8.74 14.05 8.74
C GLU A 106 10.00 14.05 7.82
N SER A 107 10.99 14.90 8.17
CA SER A 107 12.21 15.13 7.36
C SER A 107 13.29 14.16 7.79
N ALA A 108 13.73 13.31 6.85
CA ALA A 108 14.71 12.31 7.19
C ALA A 108 16.13 12.92 7.38
N LYS A 109 16.68 12.66 8.57
CA LYS A 109 18.13 12.91 8.78
C LYS A 109 18.92 11.76 8.16
N LYS A 110 18.34 10.54 8.19
CA LYS A 110 18.99 9.33 7.72
C LYS A 110 17.90 8.42 7.11
N VAL A 111 18.33 7.61 6.09
CA VAL A 111 17.45 6.57 5.50
C VAL A 111 18.28 5.28 5.36
N SER A 112 17.56 4.16 5.39
CA SER A 112 18.21 2.87 5.21
C SER A 112 18.59 2.63 3.74
N SER A 113 19.41 1.61 3.53
CA SER A 113 20.03 1.34 2.21
C SER A 113 18.98 1.08 1.11
N SER A 114 17.88 0.33 1.45
CA SER A 114 16.89 0.02 0.38
C SER A 114 16.25 1.29 -0.17
N PHE A 115 16.02 2.27 0.76
CA PHE A 115 15.54 3.55 0.28
C PHE A 115 16.59 4.27 -0.61
N THR A 116 17.86 4.36 -0.18
CA THR A 116 18.92 4.97 -1.07
C THR A 116 18.92 4.34 -2.49
N GLU A 117 18.80 3.01 -2.55
CA GLU A 117 18.91 2.20 -3.76
C GLU A 117 17.72 2.34 -4.72
N ASP A 118 16.60 2.82 -4.26
CA ASP A 118 15.44 2.92 -5.08
C ASP A 118 15.28 4.36 -5.53
N SER A 119 15.79 4.62 -6.72
CA SER A 119 15.84 5.99 -7.24
C SER A 119 14.46 6.57 -7.44
N THR A 120 13.42 5.72 -7.57
CA THR A 120 12.10 6.12 -7.98
C THR A 120 11.20 6.60 -6.82
N ILE A 121 11.54 6.31 -5.57
CA ILE A 121 10.69 6.59 -4.38
C ILE A 121 11.37 7.69 -3.54
N ASP A 122 10.68 8.83 -3.43
CA ASP A 122 11.23 9.99 -2.68
C ASP A 122 10.76 10.04 -1.22
N GLY A 123 9.95 9.05 -0.78
CA GLY A 123 9.43 8.95 0.59
C GLY A 123 8.05 8.21 0.58
N LEU A 124 7.38 8.22 1.76
CA LEU A 124 6.11 7.51 2.00
C LEU A 124 5.00 8.45 2.42
N LEU A 125 3.73 8.08 2.05
CA LEU A 125 2.56 8.75 2.62
C LEU A 125 1.65 7.71 3.26
N GLY A 126 1.61 7.66 4.62
CA GLY A 126 0.84 6.65 5.34
C GLY A 126 -0.66 6.92 5.42
N LEU A 127 -1.48 5.86 5.27
CA LEU A 127 -2.95 5.91 5.24
C LEU A 127 -3.66 4.89 6.16
N ALA A 128 -2.90 4.29 7.09
CA ALA A 128 -3.51 3.51 8.18
C ALA A 128 -4.05 4.49 9.29
N PHE A 129 -4.43 3.95 10.47
CA PHE A 129 -5.04 4.82 11.52
C PHE A 129 -3.93 5.56 12.28
N SER A 130 -4.23 6.78 12.75
CA SER A 130 -3.17 7.66 13.32
C SER A 130 -2.53 7.15 14.59
N THR A 131 -3.19 6.19 15.29
CA THR A 131 -2.59 5.56 16.44
C THR A 131 -1.26 4.85 16.11
N LEU A 132 -0.96 4.59 14.78
CA LEU A 132 0.33 3.99 14.42
C LEU A 132 1.43 5.00 14.10
N ASN A 133 1.14 6.31 14.15
CA ASN A 133 2.19 7.31 13.78
C ASN A 133 3.34 7.28 14.79
N THR A 134 4.60 7.52 14.31
CA THR A 134 5.77 7.38 15.18
C THR A 134 6.36 8.66 15.78
N VAL A 135 5.73 9.81 15.57
CA VAL A 135 6.24 11.05 16.16
C VAL A 135 6.05 11.03 17.71
N SER A 136 7.08 11.53 18.40
CA SER A 136 7.13 11.69 19.85
C SER A 136 7.56 13.12 20.18
N PRO A 137 7.07 13.73 21.26
CA PRO A 137 6.20 13.13 22.31
C PRO A 137 4.70 12.96 21.95
N THR A 138 4.20 13.75 21.04
CA THR A 138 2.77 13.70 20.65
C THR A 138 2.67 13.17 19.19
N GLN A 139 1.87 12.08 19.00
CA GLN A 139 1.69 11.55 17.63
C GLN A 139 0.98 12.52 16.75
N GLN A 140 1.27 12.40 15.42
CA GLN A 140 0.75 13.28 14.40
C GLN A 140 -0.30 12.52 13.55
N LYS A 141 -1.28 13.29 13.03
CA LYS A 141 -2.34 12.74 12.20
C LYS A 141 -1.91 12.52 10.75
N THR A 142 -2.53 11.48 10.12
CA THR A 142 -2.28 11.22 8.68
C THR A 142 -2.90 12.30 7.80
N PHE A 143 -2.42 12.33 6.52
CA PHE A 143 -2.99 13.22 5.53
C PHE A 143 -4.52 13.00 5.46
N PHE A 144 -4.99 11.71 5.42
CA PHE A 144 -6.45 11.42 5.37
C PHE A 144 -7.19 11.96 6.58
N ASP A 145 -6.68 11.71 7.81
CA ASP A 145 -7.35 12.24 9.02
C ASP A 145 -7.43 13.76 9.01
N ASN A 146 -6.35 14.43 8.58
CA ASN A 146 -6.40 15.92 8.50
C ASN A 146 -7.36 16.36 7.41
N ALA A 147 -7.54 15.60 6.32
CA ALA A 147 -8.43 15.98 5.20
C ALA A 147 -9.90 15.78 5.53
N LYS A 148 -10.29 14.89 6.49
CA LYS A 148 -11.70 14.50 6.63
C LYS A 148 -12.65 15.64 6.90
N ALA A 149 -12.22 16.62 7.69
CA ALA A 149 -13.14 17.74 7.96
C ALA A 149 -13.56 18.37 6.65
N SER A 150 -12.69 18.47 5.63
CA SER A 150 -13.04 19.16 4.38
C SER A 150 -13.58 18.22 3.31
N LEU A 151 -13.38 16.92 3.35
CA LEU A 151 -13.81 16.03 2.24
C LEU A 151 -15.32 15.94 2.05
N ASP A 152 -15.74 15.68 0.78
CA ASP A 152 -17.18 15.45 0.53
C ASP A 152 -17.77 14.21 1.22
N SER A 153 -16.99 13.21 1.51
CA SER A 153 -17.35 11.98 2.22
C SER A 153 -16.01 11.57 2.85
N PRO A 154 -16.04 11.05 4.11
CA PRO A 154 -14.80 10.65 4.75
C PRO A 154 -14.36 9.27 4.20
N VAL A 155 -13.95 9.26 2.91
CA VAL A 155 -13.53 8.04 2.22
C VAL A 155 -12.33 8.33 1.33
N PHE A 156 -11.54 7.29 1.01
CA PHE A 156 -10.61 7.33 -0.14
C PHE A 156 -10.75 5.97 -0.84
N THR A 157 -10.38 5.94 -2.17
CA THR A 157 -10.49 4.70 -2.93
C THR A 157 -9.12 4.45 -3.62
N ALA A 158 -8.81 3.14 -3.72
CA ALA A 158 -7.63 2.70 -4.43
C ALA A 158 -8.06 1.86 -5.67
N ASP A 159 -7.51 2.25 -6.83
CA ASP A 159 -7.77 1.57 -8.12
C ASP A 159 -6.41 1.34 -8.81
N LEU A 160 -5.72 0.30 -8.36
CA LEU A 160 -4.35 0.02 -8.82
C LEU A 160 -4.44 -0.78 -10.17
N GLY A 161 -3.48 -0.48 -11.09
CA GLY A 161 -3.45 -1.13 -12.39
C GLY A 161 -2.51 -2.34 -12.44
N TYR A 162 -2.85 -3.29 -13.33
CA TYR A 162 -1.96 -4.42 -13.68
C TYR A 162 -1.02 -3.97 -14.81
N HIS A 163 0.25 -3.69 -14.48
CA HIS A 163 1.22 -3.16 -15.45
C HIS A 163 0.68 -1.97 -16.22
N ALA A 164 0.02 -1.07 -15.50
CA ALA A 164 -0.67 0.02 -16.10
C ALA A 164 -0.90 1.10 -15.04
N PRO A 165 -1.01 2.34 -15.45
CA PRO A 165 -1.44 3.42 -14.51
C PRO A 165 -2.80 3.17 -13.89
N GLY A 166 -3.04 3.78 -12.73
CA GLY A 166 -4.27 3.65 -11.91
C GLY A 166 -4.51 4.96 -11.16
N THR A 167 -5.41 4.91 -10.15
CA THR A 167 -5.87 6.14 -9.51
C THR A 167 -6.11 5.98 -7.99
N TYR A 168 -5.69 7.03 -7.22
CA TYR A 168 -6.17 7.24 -5.83
C TYR A 168 -7.12 8.44 -5.83
N ASN A 169 -8.36 8.22 -5.33
CA ASN A 169 -9.33 9.28 -5.15
C ASN A 169 -9.59 9.53 -3.66
N PHE A 170 -9.78 10.80 -3.31
CA PHE A 170 -10.13 11.19 -1.93
C PHE A 170 -11.46 11.93 -1.95
N GLY A 171 -12.43 11.47 -1.12
CA GLY A 171 -13.69 12.20 -0.90
C GLY A 171 -14.87 11.76 -1.75
N PHE A 172 -14.72 10.80 -2.69
CA PHE A 172 -15.86 10.43 -3.57
C PHE A 172 -15.58 9.01 -4.12
N ILE A 173 -16.69 8.35 -4.55
CA ILE A 173 -16.72 7.04 -5.17
C ILE A 173 -17.06 7.18 -6.67
N ASP A 174 -16.11 6.85 -7.57
CA ASP A 174 -16.34 6.91 -9.05
C ASP A 174 -17.14 5.68 -9.51
N THR A 175 -18.45 5.79 -9.74
CA THR A 175 -19.30 4.65 -10.09
C THR A 175 -18.97 4.06 -11.49
N THR A 176 -18.13 4.78 -12.31
CA THR A 176 -17.71 4.25 -13.61
C THR A 176 -16.44 3.41 -13.54
N ALA A 177 -15.85 3.32 -12.34
CA ALA A 177 -14.52 2.69 -12.22
C ALA A 177 -14.68 1.21 -11.81
N TYR A 178 -15.90 0.68 -11.64
CA TYR A 178 -16.14 -0.71 -11.21
C TYR A 178 -17.42 -1.28 -11.84
N THR A 179 -17.62 -2.60 -11.75
CA THR A 179 -18.81 -3.31 -12.24
C THR A 179 -19.60 -3.86 -11.06
N GLY A 180 -20.87 -4.24 -11.25
CA GLY A 180 -21.74 -4.73 -10.17
C GLY A 180 -21.87 -3.70 -9.06
N SER A 181 -22.04 -4.14 -7.79
CA SER A 181 -22.13 -3.23 -6.62
C SER A 181 -20.96 -3.47 -5.64
N ILE A 182 -20.72 -2.47 -4.77
CA ILE A 182 -19.72 -2.59 -3.69
C ILE A 182 -20.37 -3.36 -2.54
N THR A 183 -19.66 -4.34 -2.02
CA THR A 183 -20.10 -4.99 -0.75
C THR A 183 -19.14 -4.50 0.35
N TYR A 184 -19.72 -4.04 1.48
CA TYR A 184 -18.97 -3.54 2.64
C TYR A 184 -18.88 -4.63 3.73
N THR A 185 -17.81 -4.56 4.50
CA THR A 185 -17.55 -5.48 5.58
C THR A 185 -16.91 -4.75 6.75
N ALA A 186 -17.12 -5.28 7.97
CA ALA A 186 -16.69 -4.58 9.19
C ALA A 186 -15.15 -4.50 9.30
N VAL A 187 -14.67 -3.40 9.94
CA VAL A 187 -13.22 -3.16 10.19
C VAL A 187 -13.00 -3.14 11.69
N SER A 188 -11.92 -3.79 12.12
CA SER A 188 -11.40 -3.64 13.48
C SER A 188 -10.17 -2.71 13.47
N THR A 189 -10.15 -1.69 14.33
CA THR A 189 -8.96 -0.80 14.47
C THR A 189 -8.13 -1.12 15.72
N LYS A 190 -8.38 -2.25 16.37
CA LYS A 190 -7.68 -2.55 17.61
C LYS A 190 -6.15 -2.60 17.41
N GLN A 191 -5.65 -2.94 16.19
CA GLN A 191 -4.21 -2.93 15.88
C GLN A 191 -3.75 -1.78 15.00
N GLY A 192 -4.66 -0.84 14.74
CA GLY A 192 -4.30 0.37 13.98
C GLY A 192 -4.39 0.22 12.45
N PHE A 193 -4.80 -0.95 11.94
CA PHE A 193 -4.81 -1.23 10.49
C PHE A 193 -6.25 -1.28 9.97
N TRP A 194 -6.33 -1.29 8.59
CA TRP A 194 -7.62 -1.62 7.92
C TRP A 194 -7.78 -3.15 7.93
N GLU A 195 -8.17 -3.67 9.12
CA GLU A 195 -8.25 -5.08 9.40
C GLU A 195 -9.71 -5.57 9.28
N TRP A 196 -9.93 -6.69 8.57
CA TRP A 196 -11.26 -7.22 8.25
C TRP A 196 -11.20 -8.73 8.16
N THR A 197 -12.40 -9.39 8.05
CA THR A 197 -12.45 -10.87 7.95
C THR A 197 -13.11 -11.29 6.64
N SER A 198 -12.31 -11.86 5.72
CA SER A 198 -12.88 -12.47 4.49
C SER A 198 -13.70 -13.72 4.88
N THR A 199 -14.79 -14.01 4.12
CA THR A 199 -15.71 -15.14 4.40
C THR A 199 -15.23 -16.44 3.76
N GLY A 200 -14.17 -16.42 2.93
CA GLY A 200 -13.62 -17.67 2.43
C GLY A 200 -12.98 -17.49 1.02
N TYR A 201 -12.79 -18.59 0.30
CA TYR A 201 -12.03 -18.52 -0.97
C TYR A 201 -12.41 -19.71 -1.87
N ALA A 202 -12.07 -19.54 -3.20
CA ALA A 202 -12.13 -20.66 -4.16
C ALA A 202 -10.88 -20.55 -5.06
N VAL A 203 -10.39 -21.71 -5.55
CA VAL A 203 -9.29 -21.80 -6.55
C VAL A 203 -9.86 -22.15 -7.92
N GLY A 204 -9.58 -21.28 -8.91
CA GLY A 204 -10.06 -21.57 -10.28
C GLY A 204 -11.55 -21.82 -10.31
N SER A 205 -11.99 -22.89 -11.02
CA SER A 205 -13.42 -23.26 -11.20
C SER A 205 -13.97 -24.23 -10.13
N GLY A 206 -13.20 -24.36 -9.02
CA GLY A 206 -13.63 -25.23 -7.91
C GLY A 206 -14.53 -24.58 -6.87
N THR A 207 -14.75 -25.34 -5.74
CA THR A 207 -15.73 -24.94 -4.71
C THR A 207 -15.22 -23.85 -3.76
N PHE A 208 -16.14 -22.96 -3.38
CA PHE A 208 -15.91 -21.94 -2.33
C PHE A 208 -16.00 -22.60 -0.93
N LYS A 209 -14.91 -22.40 -0.17
CA LYS A 209 -14.78 -22.87 1.22
C LYS A 209 -15.07 -21.73 2.20
N SER A 210 -16.08 -21.92 3.07
CA SER A 210 -16.40 -20.88 4.09
C SER A 210 -15.41 -21.01 5.23
N THR A 211 -14.46 -20.17 5.32
CA THR A 211 -13.45 -20.14 6.40
C THR A 211 -13.06 -18.69 6.62
N SER A 212 -13.11 -18.27 7.86
CA SER A 212 -12.85 -16.86 8.18
C SER A 212 -11.36 -16.56 7.96
N ILE A 213 -11.02 -15.51 7.25
CA ILE A 213 -9.60 -15.09 7.03
C ILE A 213 -9.44 -13.64 7.51
N ASP A 214 -8.92 -13.44 8.75
CA ASP A 214 -8.64 -12.09 9.30
C ASP A 214 -7.39 -11.53 8.62
N GLY A 215 -7.42 -10.35 8.00
CA GLY A 215 -6.24 -9.77 7.36
C GLY A 215 -6.31 -8.29 7.21
N ILE A 216 -5.28 -7.66 6.64
CA ILE A 216 -5.23 -6.20 6.46
C ILE A 216 -5.19 -5.87 4.97
N ALA A 217 -5.87 -4.78 4.62
CA ALA A 217 -5.76 -4.24 3.23
C ALA A 217 -4.56 -3.30 3.19
N ASP A 218 -3.49 -3.65 2.44
CA ASP A 218 -2.20 -2.92 2.47
C ASP A 218 -1.65 -2.60 1.05
N THR A 219 -1.87 -1.37 0.59
CA THR A 219 -1.34 -0.94 -0.72
C THR A 219 0.20 -0.85 -0.81
N GLY A 220 0.89 -0.77 0.36
CA GLY A 220 2.34 -0.72 0.40
C GLY A 220 3.02 -2.07 0.51
N THR A 221 2.26 -3.16 0.31
CA THR A 221 2.81 -4.50 0.22
C THR A 221 2.57 -5.03 -1.21
N THR A 222 3.61 -5.60 -1.87
CA THR A 222 3.49 -6.03 -3.26
C THR A 222 2.52 -7.21 -3.48
N LEU A 223 2.68 -8.26 -2.62
CA LEU A 223 2.04 -9.56 -2.87
C LEU A 223 0.80 -9.82 -1.96
N LEU A 224 0.13 -10.97 -2.24
CA LEU A 224 -1.03 -11.49 -1.46
C LEU A 224 -0.54 -12.57 -0.52
N TYR A 225 -0.56 -12.28 0.81
CA TYR A 225 -0.08 -13.20 1.85
C TYR A 225 -1.30 -13.80 2.60
N LEU A 226 -1.46 -15.13 2.49
CA LEU A 226 -2.67 -15.81 3.05
C LEU A 226 -2.28 -17.03 3.87
N PRO A 227 -3.23 -17.67 4.60
CA PRO A 227 -2.83 -18.78 5.44
C PRO A 227 -2.19 -19.88 4.62
N ALA A 228 -1.24 -20.56 5.29
CA ALA A 228 -0.51 -21.61 4.60
C ALA A 228 -1.45 -22.64 3.88
N THR A 229 -2.55 -23.06 4.53
CA THR A 229 -3.43 -24.10 3.94
C THR A 229 -4.13 -23.63 2.67
N VAL A 230 -4.47 -22.34 2.67
CA VAL A 230 -5.13 -21.72 1.54
C VAL A 230 -4.16 -21.61 0.34
N VAL A 231 -2.91 -21.14 0.64
CA VAL A 231 -1.87 -20.98 -0.42
C VAL A 231 -1.48 -22.31 -1.03
N SER A 232 -1.39 -23.33 -0.17
CA SER A 232 -1.14 -24.68 -0.70
C SER A 232 -2.24 -25.17 -1.64
N ALA A 233 -3.51 -24.92 -1.27
CA ALA A 233 -4.65 -25.33 -2.12
C ALA A 233 -4.53 -24.68 -3.52
N TYR A 234 -4.10 -23.40 -3.56
CA TYR A 234 -3.93 -22.73 -4.85
C TYR A 234 -2.85 -23.39 -5.73
N TRP A 235 -1.63 -23.47 -5.18
CA TRP A 235 -0.50 -23.92 -6.03
C TRP A 235 -0.62 -25.42 -6.35
N ALA A 236 -1.49 -26.17 -5.62
CA ALA A 236 -1.79 -27.56 -6.00
C ALA A 236 -2.40 -27.66 -7.42
N GLN A 237 -3.03 -26.58 -7.87
CA GLN A 237 -3.64 -26.57 -9.23
C GLN A 237 -2.66 -26.07 -10.33
N VAL A 238 -1.35 -25.93 -10.06
CA VAL A 238 -0.33 -25.43 -11.02
C VAL A 238 0.75 -26.49 -11.10
N SER A 239 0.83 -27.21 -12.26
CA SER A 239 1.56 -28.47 -12.27
C SER A 239 3.07 -28.29 -12.10
N GLY A 240 3.69 -27.16 -12.51
CA GLY A 240 5.11 -26.90 -12.31
C GLY A 240 5.48 -26.17 -11.01
N ALA A 241 4.46 -25.78 -10.18
CA ALA A 241 4.77 -24.94 -9.03
C ALA A 241 5.34 -25.71 -7.84
N LYS A 242 6.32 -25.04 -7.18
CA LYS A 242 6.91 -25.62 -5.97
C LYS A 242 7.34 -24.52 -5.02
N SER A 243 7.43 -24.74 -3.69
CA SER A 243 8.06 -23.80 -2.77
C SER A 243 9.58 -23.85 -2.89
N SER A 244 10.25 -22.70 -3.00
CA SER A 244 11.68 -22.61 -3.11
C SER A 244 12.24 -21.96 -1.84
N SER A 245 13.03 -22.72 -1.08
CA SER A 245 13.68 -22.15 0.10
C SER A 245 14.64 -21.02 -0.27
N SER A 246 15.47 -21.23 -1.30
CA SER A 246 16.54 -20.28 -1.64
C SER A 246 15.96 -18.98 -2.23
N VAL A 247 14.92 -19.08 -3.06
CA VAL A 247 14.33 -17.85 -3.64
C VAL A 247 13.42 -17.15 -2.67
N GLY A 248 12.79 -17.86 -1.72
CA GLY A 248 11.99 -17.28 -0.66
C GLY A 248 10.48 -17.34 -0.89
N GLY A 249 9.94 -18.36 -1.61
CA GLY A 249 8.51 -18.54 -1.82
C GLY A 249 8.20 -19.54 -2.95
N TYR A 250 6.91 -19.65 -3.29
CA TYR A 250 6.50 -20.47 -4.46
C TYR A 250 7.02 -19.85 -5.79
N VAL A 251 7.58 -20.73 -6.65
CA VAL A 251 8.05 -20.44 -8.01
C VAL A 251 7.36 -21.44 -8.97
N PHE A 252 7.26 -21.05 -10.26
CA PHE A 252 6.55 -21.92 -11.23
C PHE A 252 7.06 -21.57 -12.65
N PRO A 253 6.81 -22.41 -13.65
CA PRO A 253 7.31 -22.07 -15.03
C PRO A 253 6.55 -20.89 -15.60
N CYS A 254 7.31 -19.91 -16.12
CA CYS A 254 6.67 -18.74 -16.70
C CYS A 254 5.68 -19.14 -17.82
N SER A 255 5.86 -20.25 -18.52
CA SER A 255 4.91 -20.70 -19.56
C SER A 255 3.53 -21.17 -19.08
N ALA A 256 3.31 -21.35 -17.78
CA ALA A 256 2.04 -21.85 -17.24
C ALA A 256 0.90 -20.85 -17.48
N THR A 257 -0.31 -21.36 -17.78
CA THR A 257 -1.52 -20.54 -17.76
C THR A 257 -2.15 -20.72 -16.38
N LEU A 258 -2.03 -19.77 -15.47
CA LEU A 258 -2.43 -19.94 -14.06
C LEU A 258 -3.95 -19.88 -13.84
N PRO A 259 -4.51 -20.60 -12.84
CA PRO A 259 -5.91 -20.49 -12.45
C PRO A 259 -6.14 -19.15 -11.74
N SER A 260 -7.39 -18.70 -11.81
CA SER A 260 -7.77 -17.53 -10.99
C SER A 260 -7.83 -17.90 -9.48
N PHE A 261 -7.95 -16.85 -8.63
CA PHE A 261 -8.15 -17.04 -7.19
C PHE A 261 -9.30 -16.15 -6.73
N THR A 262 -10.35 -16.67 -6.08
CA THR A 262 -11.49 -15.87 -5.65
C THR A 262 -11.53 -15.75 -4.12
N PHE A 263 -11.71 -14.51 -3.59
CA PHE A 263 -11.90 -14.30 -2.15
C PHE A 263 -13.30 -13.77 -1.84
N GLY A 264 -13.85 -14.11 -0.63
CA GLY A 264 -15.17 -13.69 -0.21
C GLY A 264 -15.15 -12.37 0.57
N VAL A 265 -16.15 -11.56 0.26
CA VAL A 265 -16.42 -10.32 1.00
C VAL A 265 -17.90 -10.43 1.37
N GLY A 266 -18.24 -10.85 2.63
CA GLY A 266 -19.66 -11.25 2.92
C GLY A 266 -20.13 -12.29 1.90
N SER A 267 -21.29 -12.13 1.29
CA SER A 267 -21.85 -13.03 0.26
C SER A 267 -21.23 -12.78 -1.13
N ALA A 268 -20.46 -11.71 -1.32
CA ALA A 268 -19.88 -11.34 -2.62
C ALA A 268 -18.51 -12.01 -2.85
N ARG A 269 -18.05 -12.00 -4.13
CA ARG A 269 -16.83 -12.68 -4.56
C ARG A 269 -15.96 -11.78 -5.42
N ILE A 270 -14.64 -11.67 -5.13
CA ILE A 270 -13.65 -10.94 -5.96
C ILE A 270 -12.73 -11.96 -6.63
N VAL A 271 -12.63 -11.91 -7.98
CA VAL A 271 -11.84 -12.87 -8.76
C VAL A 271 -10.52 -12.25 -9.22
N ILE A 272 -9.38 -12.77 -8.72
CA ILE A 272 -8.05 -12.35 -9.20
C ILE A 272 -7.68 -13.18 -10.43
N PRO A 273 -7.51 -12.59 -11.62
CA PRO A 273 -7.14 -13.39 -12.83
C PRO A 273 -5.79 -14.08 -12.62
N GLY A 274 -5.71 -15.27 -13.24
CA GLY A 274 -4.43 -15.99 -13.12
C GLY A 274 -3.20 -15.20 -13.50
N ASP A 275 -3.25 -14.39 -14.57
CA ASP A 275 -2.08 -13.62 -15.04
C ASP A 275 -1.54 -12.70 -13.95
N TYR A 276 -2.39 -12.20 -13.02
CA TYR A 276 -1.98 -11.29 -11.94
C TYR A 276 -1.13 -11.98 -10.89
N ILE A 277 -1.27 -13.32 -10.84
CA ILE A 277 -0.59 -14.14 -9.85
C ILE A 277 0.78 -14.53 -10.39
N ASP A 278 1.06 -14.28 -11.70
CA ASP A 278 2.43 -14.39 -12.22
C ASP A 278 3.20 -13.10 -11.92
N PHE A 279 4.01 -13.11 -10.86
CA PHE A 279 4.76 -11.88 -10.49
C PHE A 279 5.86 -11.51 -11.45
N GLY A 280 6.47 -12.46 -12.13
CA GLY A 280 7.42 -12.29 -13.22
C GLY A 280 8.64 -13.10 -13.01
N PRO A 281 9.56 -13.05 -14.00
CA PRO A 281 10.75 -13.93 -13.96
C PRO A 281 11.61 -13.61 -12.74
N ILE A 282 12.25 -14.65 -12.22
CA ILE A 282 13.14 -14.38 -11.06
C ILE A 282 14.36 -13.54 -11.44
N SER A 283 14.83 -13.60 -12.71
CA SER A 283 15.80 -12.71 -13.34
C SER A 283 15.45 -12.56 -14.83
N THR A 284 15.93 -11.52 -15.51
CA THR A 284 15.57 -11.34 -16.94
C THR A 284 16.01 -12.54 -17.76
N GLY A 285 15.08 -13.10 -18.56
CA GLY A 285 15.40 -14.26 -19.37
C GLY A 285 15.22 -15.59 -18.70
N SER A 286 14.95 -15.62 -17.39
CA SER A 286 14.73 -16.90 -16.71
C SER A 286 13.51 -17.67 -17.23
N SER A 287 13.50 -19.01 -17.15
CA SER A 287 12.27 -19.78 -17.41
C SER A 287 11.36 -19.91 -16.19
N SER A 288 11.83 -19.49 -15.01
CA SER A 288 11.09 -19.57 -13.73
C SER A 288 10.61 -18.19 -13.31
N CYS A 289 9.37 -18.21 -12.79
CA CYS A 289 8.66 -17.04 -12.36
C CYS A 289 8.30 -17.13 -10.85
N PHE A 290 8.22 -15.99 -10.19
CA PHE A 290 7.87 -15.91 -8.74
C PHE A 290 6.35 -15.79 -8.58
N GLY A 291 5.71 -16.53 -7.62
CA GLY A 291 4.28 -16.47 -7.37
C GLY A 291 3.85 -15.18 -6.69
N GLY A 292 2.65 -14.74 -7.09
CA GLY A 292 2.09 -13.55 -6.47
C GLY A 292 1.24 -13.80 -5.19
N ILE A 293 0.98 -15.08 -4.89
CA ILE A 293 0.25 -15.56 -3.66
C ILE A 293 1.29 -16.34 -2.89
N GLN A 294 1.53 -15.92 -1.62
CA GLN A 294 2.57 -16.51 -0.80
C GLN A 294 2.00 -16.70 0.64
N SER A 295 2.58 -17.61 1.40
CA SER A 295 2.13 -17.82 2.80
C SER A 295 2.44 -16.60 3.72
N SER A 296 1.46 -16.33 4.62
CA SER A 296 1.61 -15.30 5.64
C SER A 296 2.25 -15.80 6.95
N ALA A 297 2.65 -17.04 6.99
CA ALA A 297 3.17 -17.56 8.29
C ALA A 297 4.34 -16.76 8.81
N GLY A 298 5.29 -16.33 7.98
CA GLY A 298 6.48 -15.56 8.41
C GLY A 298 6.19 -14.13 8.83
N ILE A 299 5.10 -13.54 8.38
CA ILE A 299 4.70 -12.21 8.80
C ILE A 299 3.79 -12.20 10.00
N GLY A 300 2.97 -13.20 10.17
CA GLY A 300 2.16 -13.33 11.35
C GLY A 300 0.81 -12.70 11.25
N ILE A 301 0.52 -12.07 10.09
CA ILE A 301 -0.79 -11.50 9.79
C ILE A 301 -1.06 -11.71 8.30
N ASN A 302 -2.33 -11.94 7.92
CA ASN A 302 -2.64 -12.04 6.47
C ASN A 302 -2.64 -10.64 5.87
N ILE A 303 -2.15 -10.52 4.64
CA ILE A 303 -2.01 -9.20 3.99
C ILE A 303 -2.59 -9.27 2.57
N PHE A 304 -3.71 -8.54 2.39
CA PHE A 304 -4.26 -8.34 1.05
C PHE A 304 -3.46 -7.18 0.43
N GLY A 305 -2.30 -7.51 -0.17
CA GLY A 305 -1.39 -6.54 -0.86
C GLY A 305 -1.82 -6.29 -2.33
N ASP A 306 -0.87 -5.69 -3.09
CA ASP A 306 -1.23 -5.18 -4.45
C ASP A 306 -1.79 -6.29 -5.40
N VAL A 307 -1.25 -7.49 -5.34
CA VAL A 307 -1.81 -8.60 -6.21
C VAL A 307 -3.32 -8.76 -6.07
N ALA A 308 -3.84 -8.69 -4.80
CA ALA A 308 -5.31 -8.74 -4.54
C ALA A 308 -5.98 -7.45 -4.88
N LEU A 309 -5.42 -6.33 -4.31
CA LEU A 309 -6.15 -5.07 -4.42
C LEU A 309 -6.22 -4.63 -5.87
N LYS A 310 -5.24 -4.90 -6.76
CA LYS A 310 -5.29 -4.44 -8.15
C LYS A 310 -6.38 -5.16 -8.97
N ALA A 311 -6.98 -6.25 -8.45
CA ALA A 311 -8.15 -6.93 -9.09
C ALA A 311 -9.49 -6.33 -8.68
N ALA A 312 -9.48 -5.29 -7.83
CA ALA A 312 -10.71 -4.75 -7.28
C ALA A 312 -10.63 -3.22 -7.29
N PHE A 313 -11.84 -2.66 -7.18
CA PHE A 313 -11.98 -1.26 -6.75
C PHE A 313 -12.26 -1.27 -5.24
N VAL A 314 -11.38 -0.57 -4.45
CA VAL A 314 -11.38 -0.74 -2.96
C VAL A 314 -11.72 0.60 -2.29
N VAL A 315 -12.75 0.56 -1.42
CA VAL A 315 -13.22 1.73 -0.69
C VAL A 315 -12.80 1.66 0.79
N PHE A 316 -11.98 2.69 1.21
CA PHE A 316 -11.54 2.84 2.60
C PHE A 316 -12.47 3.88 3.27
N ASN A 317 -13.53 3.37 3.97
CA ASN A 317 -14.53 4.22 4.57
C ASN A 317 -14.11 4.62 6.01
N GLY A 318 -13.66 5.88 6.14
CA GLY A 318 -13.15 6.42 7.40
C GLY A 318 -14.17 7.12 8.29
N ALA A 319 -15.46 6.76 8.21
CA ALA A 319 -16.43 7.21 9.20
C ALA A 319 -16.03 6.76 10.62
N THR A 320 -16.70 7.30 11.66
CA THR A 320 -16.31 7.07 13.05
C THR A 320 -16.26 5.57 13.36
N THR A 321 -17.22 4.80 12.82
CA THR A 321 -17.07 3.32 12.77
C THR A 321 -16.62 3.00 11.33
N PRO A 322 -15.34 2.70 11.09
CA PRO A 322 -14.87 2.51 9.69
C PRO A 322 -15.37 1.17 9.12
N THR A 323 -15.44 1.10 7.78
CA THR A 323 -15.74 -0.14 7.04
C THR A 323 -14.86 -0.19 5.76
N LEU A 324 -14.79 -1.38 5.14
CA LEU A 324 -14.02 -1.57 3.90
C LEU A 324 -14.94 -2.14 2.83
N GLY A 325 -14.92 -1.55 1.61
CA GLY A 325 -15.76 -2.03 0.51
C GLY A 325 -14.90 -2.56 -0.65
N PHE A 326 -15.47 -3.63 -1.30
CA PHE A 326 -14.84 -4.15 -2.52
C PHE A 326 -15.89 -4.28 -3.65
N ALA A 327 -15.48 -3.93 -4.88
CA ALA A 327 -16.25 -4.23 -6.10
C ALA A 327 -15.29 -4.84 -7.16
N SER A 328 -15.91 -5.68 -8.02
CA SER A 328 -15.22 -6.13 -9.24
C SER A 328 -14.97 -4.99 -10.20
N LYS A 329 -14.04 -5.14 -11.18
CA LYS A 329 -13.78 -4.08 -12.18
C LYS A 329 -13.28 -4.62 -13.51
N PRO B 3 10.49 -7.31 -3.54
CA PRO B 3 9.13 -6.95 -3.13
C PRO B 3 9.18 -6.06 -1.90
N PHE B 4 8.12 -5.27 -1.71
CA PHE B 4 7.97 -4.35 -0.62
C PHE B 4 6.95 -4.87 0.45
N HIS B 5 7.18 -4.45 1.72
CA HIS B 5 6.22 -4.74 2.80
C HIS B 5 6.31 -3.60 3.80
N STA B 6 5.31 -2.71 3.73
CA STA B 6 5.31 -1.42 4.44
CB STA B 6 5.55 -0.28 3.42
CG STA B 6 6.81 -0.33 2.52
CD1 STA B 6 6.76 0.78 1.46
CD2 STA B 6 8.11 -0.22 3.32
CH STA B 6 4.00 -1.23 5.23
OH STA B 6 2.85 -1.38 4.28
CM STA B 6 3.74 -2.20 6.38
C STA B 6 4.60 -1.91 7.61
O STA B 6 5.70 -2.44 7.77
N VAL B 7 4.11 -1.02 8.51
CA VAL B 7 4.90 -0.63 9.71
C VAL B 7 4.91 -1.81 10.71
N ILE B 8 6.04 -1.90 11.40
CA ILE B 8 6.18 -2.71 12.59
C ILE B 8 5.87 -1.87 13.83
S SO4 C . -20.83 5.53 15.50
O1 SO4 C . -20.77 6.96 15.36
O2 SO4 C . -21.87 5.14 16.49
O3 SO4 C . -21.22 4.92 14.16
O4 SO4 C . -19.52 5.06 15.87
S SO4 D . 11.26 11.57 23.13
O1 SO4 D . 11.62 10.27 22.44
O2 SO4 D . 12.55 12.30 23.22
O3 SO4 D . 10.25 12.31 22.39
O4 SO4 D . 10.94 11.29 24.50
#